data_5QID
#
_entry.id   5QID
#
_cell.length_a   97.487
_cell.length_b   97.487
_cell.length_c   80.388
_cell.angle_alpha   90.000
_cell.angle_beta   90.000
_cell.angle_gamma   90.000
#
_symmetry.space_group_name_H-M   'I 4'
#
loop_
_entity.id
_entity.type
_entity.pdbx_description
1 polymer 'Hydroxyacid oxidase 1'
2 non-polymer 'FLAVIN MONONUCLEOTIDE'
3 non-polymer 5-chloranyl-~{N}-methyl-~{N}-[[(3~{S})-oxolan-3-yl]methyl]pyrimidin-4-amine
4 water water
#
_entity_poly.entity_id   1
_entity_poly.type   'polypeptide(L)'
_entity_poly.pdbx_seq_one_letter_code
;SMLPRLICINDYEQHAKSVLPKSIYDYYRSGANDEETLADNIAAFSRWKLYPRMLRNVAETDLSTSVLGQRVSMPICVGA
TAMQRMAHVDGELATVRACQSLGTGMMLSSWATSSIEEVAEAGPEALRWLQLYIYKDREVTKKLVRQAEKMGYKAIFVTV
DTPYLGNRLDDVRNRFKLPPQLRMKNFETSTLSFSPEENFGDDSGLAAYVAKAIDPSISWEDIKWLRRLTSLPIVAKGIL
RGDDAREAVKHGLNGILVSNHGARQLDGVPATIDVLPEIVEAVEGKVEVFLDGGVRKGTDVLKALALGAKAVFVGRPIVW
GLAFQGEKGVQDVLEILKEEFRLAMALSGCQNVKVIDKTLVRKNPLAVS
;
_entity_poly.pdbx_strand_id   A
#
# COMPACT_ATOMS: atom_id res chain seq x y z
N ARG A 5 19.63 -16.68 8.06
CA ARG A 5 19.16 -16.31 6.70
C ARG A 5 18.68 -14.80 6.50
N LEU A 6 17.42 -14.44 6.76
CA LEU A 6 16.86 -13.22 6.15
C LEU A 6 16.70 -12.16 7.22
N ILE A 7 17.51 -11.11 7.12
CA ILE A 7 17.57 -10.17 8.24
C ILE A 7 17.20 -8.73 7.84
N CYS A 8 16.93 -8.50 6.58
CA CYS A 8 16.53 -7.14 6.09
C CYS A 8 15.62 -7.39 4.89
N ILE A 9 14.88 -6.38 4.46
CA ILE A 9 13.92 -6.52 3.40
C ILE A 9 14.57 -6.93 2.08
N ASN A 10 15.73 -6.42 1.77
CA ASN A 10 16.41 -6.85 0.51
C ASN A 10 16.61 -8.38 0.52
N ASP A 11 16.90 -8.96 1.66
CA ASP A 11 17.13 -10.46 1.69
C ASP A 11 15.86 -11.16 1.29
N TYR A 12 14.69 -10.67 1.68
CA TYR A 12 13.43 -11.29 1.34
C TYR A 12 13.17 -11.20 -0.17
N GLU A 13 13.49 -10.08 -0.79
CA GLU A 13 13.36 -10.03 -2.22
C GLU A 13 14.26 -11.06 -2.89
N GLN A 14 15.52 -11.12 -2.45
CA GLN A 14 16.44 -12.07 -3.12
C GLN A 14 15.91 -13.49 -2.95
N HIS A 15 15.43 -13.83 -1.77
CA HIS A 15 14.80 -15.13 -1.56
C HIS A 15 13.63 -15.38 -2.51
N ALA A 16 12.75 -14.37 -2.64
CA ALA A 16 11.60 -14.49 -3.50
C ALA A 16 12.03 -14.75 -4.95
N LYS A 17 13.06 -14.08 -5.44
CA LYS A 17 13.53 -14.30 -6.81
C LYS A 17 13.98 -15.77 -7.01
N SER A 18 14.50 -16.35 -5.95
CA SER A 18 15.01 -17.72 -6.04
C SER A 18 13.88 -18.73 -6.03
N VAL A 19 12.74 -18.45 -5.40
CA VAL A 19 11.64 -19.40 -5.34
C VAL A 19 10.48 -19.20 -6.28
N LEU A 20 10.20 -17.96 -6.69
CA LEU A 20 9.07 -17.71 -7.59
C LEU A 20 9.32 -18.01 -9.06
N PRO A 21 8.29 -18.50 -9.77
CA PRO A 21 8.46 -18.50 -11.24
C PRO A 21 8.79 -17.12 -11.79
N LYS A 22 9.67 -17.05 -12.78
CA LYS A 22 10.09 -15.76 -13.39
C LYS A 22 8.94 -14.83 -13.69
N SER A 23 7.88 -15.28 -14.37
CA SER A 23 6.77 -14.39 -14.70
C SER A 23 6.06 -13.75 -13.51
N ILE A 24 6.00 -14.49 -12.39
CA ILE A 24 5.35 -13.99 -11.19
C ILE A 24 6.30 -13.01 -10.52
N TYR A 25 7.57 -13.37 -10.38
CA TYR A 25 8.58 -12.45 -9.78
C TYR A 25 8.60 -11.15 -10.60
N ASP A 26 8.64 -11.28 -11.92
CA ASP A 26 8.68 -10.05 -12.78
C ASP A 26 7.42 -9.24 -12.64
N TYR A 27 6.25 -9.84 -12.58
CA TYR A 27 5.02 -9.12 -12.38
C TYR A 27 5.15 -8.22 -11.12
N TYR A 28 5.66 -8.80 -10.04
CA TYR A 28 5.71 -8.11 -8.76
C TYR A 28 6.84 -7.07 -8.80
N ARG A 29 7.99 -7.36 -9.37
CA ARG A 29 9.14 -6.50 -9.31
C ARG A 29 8.96 -5.29 -10.21
N SER A 30 8.34 -5.45 -11.36
CA SER A 30 8.49 -4.54 -12.46
C SER A 30 7.98 -3.15 -12.18
N GLY A 31 8.63 -2.21 -12.86
CA GLY A 31 8.07 -0.86 -13.03
C GLY A 31 7.65 -0.63 -14.46
N ALA A 32 7.22 0.59 -14.79
CA ALA A 32 6.81 0.94 -16.13
C ALA A 32 8.04 1.27 -17.00
N ASN A 33 7.93 0.86 -18.28
CA ASN A 33 8.88 1.28 -19.30
C ASN A 33 10.28 1.09 -18.88
N ASP A 34 11.17 2.08 -18.91
CA ASP A 34 12.57 1.87 -18.57
C ASP A 34 12.86 1.82 -17.07
N GLU A 35 11.82 1.97 -16.23
CA GLU A 35 11.99 1.78 -14.82
C GLU A 35 12.86 2.83 -14.15
N GLU A 36 12.79 4.06 -14.71
CA GLU A 36 13.51 5.19 -14.12
C GLU A 36 12.98 5.59 -12.74
N THR A 37 11.66 5.70 -12.63
CA THR A 37 11.06 6.07 -11.35
C THR A 37 11.26 4.92 -10.34
N LEU A 38 11.25 3.65 -10.82
CA LEU A 38 11.41 2.53 -9.89
C LEU A 38 12.74 2.62 -9.14
N ALA A 39 13.81 2.95 -9.91
CA ALA A 39 15.10 3.15 -9.29
C ALA A 39 15.10 4.36 -8.38
N ASP A 40 14.45 5.44 -8.80
CA ASP A 40 14.48 6.70 -8.06
C ASP A 40 13.68 6.64 -6.72
N ASN A 41 12.59 5.86 -6.68
CA ASN A 41 11.88 5.71 -5.41
C ASN A 41 12.78 5.26 -4.29
N ILE A 42 13.79 4.44 -4.62
CA ILE A 42 14.79 4.00 -3.64
C ILE A 42 15.93 5.03 -3.52
N ALA A 43 16.48 5.45 -4.64
CA ALA A 43 17.65 6.40 -4.58
C ALA A 43 17.33 7.71 -3.89
N ALA A 44 16.13 8.21 -4.07
CA ALA A 44 15.74 9.45 -3.47
C ALA A 44 15.81 9.42 -1.96
N PHE A 45 15.42 8.30 -1.35
CA PHE A 45 15.55 8.19 0.09
C PHE A 45 16.97 8.40 0.53
N SER A 46 17.91 7.85 -0.24
CA SER A 46 19.31 7.97 0.16
C SER A 46 19.82 9.39 0.08
N ARG A 47 19.26 10.27 -0.78
CA ARG A 47 19.68 11.64 -0.85
C ARG A 47 19.25 12.47 0.31
N TRP A 48 18.18 12.09 0.99
CA TRP A 48 17.73 12.78 2.18
C TRP A 48 18.60 12.33 3.37
N LYS A 49 19.39 13.22 3.94
CA LYS A 49 20.29 12.88 5.02
C LYS A 49 19.65 13.16 6.36
N LEU A 50 20.04 12.41 7.38
CA LEU A 50 19.54 12.50 8.73
C LEU A 50 20.46 13.26 9.64
N TYR A 51 19.86 14.08 10.49
CA TYR A 51 20.60 14.96 11.42
C TYR A 51 20.17 14.63 12.82
N PRO A 52 20.69 13.56 13.43
CA PRO A 52 20.19 13.05 14.70
C PRO A 52 20.52 13.91 15.89
N ARG A 53 19.57 13.99 16.82
CA ARG A 53 19.84 14.59 18.11
C ARG A 53 20.34 13.54 19.11
N MET A 54 21.31 13.93 19.94
CA MET A 54 21.88 13.08 20.95
C MET A 54 21.28 13.43 22.34
N LEU A 55 21.37 12.48 23.22
CA LEU A 55 21.17 12.69 24.67
C LEU A 55 19.73 13.11 24.98
N ARG A 56 18.76 12.40 24.39
N ARG A 56 18.76 12.40 24.39
N ARG A 56 18.77 12.51 24.29
N ARG A 56 18.77 12.51 24.29
CA ARG A 56 17.32 12.72 24.56
CA ARG A 56 17.32 12.72 24.56
CA ARG A 56 17.38 12.95 24.41
CA ARG A 56 17.38 12.95 24.41
C ARG A 56 16.52 11.70 25.41
C ARG A 56 16.52 11.70 25.41
C ARG A 56 16.56 12.10 25.36
C ARG A 56 16.56 12.10 25.36
N ASN A 57 17.19 10.68 25.94
N ASN A 57 17.19 10.68 25.94
N ASN A 57 17.07 10.93 25.75
N ASN A 57 17.07 10.93 25.75
CA ASN A 57 16.55 9.59 26.70
CA ASN A 57 16.55 9.59 26.70
CA ASN A 57 16.32 9.88 26.47
CA ASN A 57 16.32 9.88 26.47
C ASN A 57 15.57 8.77 25.84
C ASN A 57 15.57 8.77 25.84
C ASN A 57 15.38 9.16 25.50
C ASN A 57 15.38 9.16 25.50
N VAL A 58 16.12 7.70 25.25
N VAL A 58 16.12 7.70 25.25
N VAL A 58 15.82 7.98 25.06
N VAL A 58 15.82 7.98 25.06
CA VAL A 58 15.37 6.81 24.35
CA VAL A 58 15.37 6.81 24.35
CA VAL A 58 15.08 7.13 24.12
CA VAL A 58 15.08 7.13 24.12
C VAL A 58 15.28 5.39 24.91
C VAL A 58 15.28 5.39 24.91
C VAL A 58 14.89 5.71 24.69
C VAL A 58 14.89 5.71 24.69
N ALA A 59 15.21 5.28 26.22
N ALA A 59 15.21 5.28 26.22
N ALA A 59 14.82 5.62 26.03
N ALA A 59 14.82 5.62 26.03
CA ALA A 59 14.83 4.00 26.83
CA ALA A 59 14.83 4.00 26.83
CA ALA A 59 14.81 4.35 26.79
CA ALA A 59 14.81 4.35 26.79
C ALA A 59 13.39 3.64 26.43
C ALA A 59 13.39 3.64 26.43
C ALA A 59 13.64 3.39 26.55
C ALA A 59 13.64 3.39 26.55
N GLU A 60 12.51 4.64 26.27
N GLU A 60 12.51 4.64 26.27
N GLU A 60 12.47 3.94 26.19
N GLU A 60 12.47 3.94 26.19
CA GLU A 60 11.06 4.29 26.22
CA GLU A 60 11.06 4.29 26.22
CA GLU A 60 11.27 3.10 26.01
CA GLU A 60 11.27 3.10 26.01
C GLU A 60 10.37 4.59 24.89
C GLU A 60 10.37 4.59 24.89
C GLU A 60 10.51 3.53 24.76
C GLU A 60 10.51 3.53 24.76
N THR A 61 10.88 4.01 23.81
N THR A 61 10.88 4.01 23.81
N THR A 61 11.20 3.49 23.63
N THR A 61 11.20 3.49 23.63
CA THR A 61 10.34 4.33 22.47
CA THR A 61 10.34 4.33 22.47
CA THR A 61 10.76 4.15 22.37
CA THR A 61 10.76 4.15 22.37
C THR A 61 8.91 3.81 22.30
C THR A 61 8.91 3.81 22.30
C THR A 61 9.38 3.64 21.90
C THR A 61 9.38 3.64 21.90
N ASP A 62 8.06 4.68 21.75
N ASP A 62 8.06 4.68 21.75
N ASP A 62 8.45 4.57 21.68
N ASP A 62 8.45 4.57 21.68
CA ASP A 62 6.65 4.41 21.50
CA ASP A 62 6.65 4.41 21.50
CA ASP A 62 7.02 4.28 21.44
CA ASP A 62 7.02 4.28 21.44
C ASP A 62 6.48 4.66 20.01
C ASP A 62 6.48 4.66 20.01
C ASP A 62 6.68 4.61 19.99
C ASP A 62 6.68 4.61 19.99
N LEU A 63 6.27 3.58 19.25
CA LEU A 63 6.04 3.69 17.79
C LEU A 63 4.59 3.91 17.46
N SER A 64 3.68 3.89 18.43
CA SER A 64 2.27 3.96 18.10
C SER A 64 1.87 5.29 17.50
N THR A 65 0.81 5.22 16.68
CA THR A 65 0.24 6.40 16.05
C THR A 65 -1.21 6.12 15.69
N SER A 66 -1.78 6.98 14.87
N SER A 66 -1.77 6.92 14.82
N SER A 66 -1.78 6.98 14.87
N SER A 66 -1.77 6.92 14.82
CA SER A 66 -3.18 6.85 14.43
CA SER A 66 -3.09 6.61 14.33
CA SER A 66 -3.18 6.85 14.43
CA SER A 66 -3.09 6.61 14.33
C SER A 66 -3.25 7.09 12.90
C SER A 66 -3.16 6.98 12.88
C SER A 66 -3.25 7.09 12.90
C SER A 66 -3.16 6.98 12.88
N VAL A 67 -4.11 6.35 12.20
CA VAL A 67 -4.35 6.54 10.72
C VAL A 67 -5.84 6.77 10.63
N LEU A 68 -6.23 7.98 10.24
CA LEU A 68 -7.66 8.36 10.03
C LEU A 68 -8.49 8.10 11.33
N GLY A 69 -7.86 8.38 12.48
CA GLY A 69 -8.49 8.22 13.81
C GLY A 69 -8.41 6.83 14.43
N GLN A 70 -7.86 5.84 13.77
CA GLN A 70 -7.77 4.50 14.26
C GLN A 70 -6.35 4.25 14.75
N ARG A 71 -6.17 3.72 15.95
CA ARG A 71 -4.83 3.48 16.47
C ARG A 71 -4.15 2.34 15.74
N VAL A 72 -2.84 2.52 15.49
CA VAL A 72 -2.00 1.46 14.97
C VAL A 72 -0.71 1.41 15.83
N SER A 73 -0.06 0.26 15.80
CA SER A 73 1.17 0.01 16.59
C SER A 73 2.40 0.69 16.08
N MET A 74 2.34 1.12 14.79
CA MET A 74 3.53 1.72 14.15
C MET A 74 3.03 2.45 12.91
N PRO A 75 3.77 3.43 12.38
CA PRO A 75 3.31 4.20 11.21
C PRO A 75 3.73 3.49 9.91
N ILE A 76 3.52 2.20 9.85
CA ILE A 76 3.96 1.30 8.78
C ILE A 76 2.82 0.34 8.52
N CYS A 77 2.16 0.49 7.37
CA CYS A 77 0.94 -0.22 7.05
C CYS A 77 1.11 -0.97 5.76
N VAL A 78 0.26 -1.96 5.49
CA VAL A 78 0.31 -2.77 4.27
C VAL A 78 -0.50 -2.13 3.16
N GLY A 79 0.20 -1.82 2.04
CA GLY A 79 -0.46 -1.29 0.86
C GLY A 79 -1.08 -2.35 0.00
N ALA A 80 -2.02 -1.95 -0.88
CA ALA A 80 -2.75 -2.86 -1.78
C ALA A 80 -1.80 -3.43 -2.84
N THR A 81 -1.67 -4.74 -2.91
CA THR A 81 -0.94 -5.38 -3.98
C THR A 81 -1.83 -6.47 -4.49
N ALA A 82 -2.09 -6.47 -5.77
CA ALA A 82 -3.02 -7.40 -6.36
C ALA A 82 -2.51 -8.84 -6.31
N MET A 83 -3.50 -9.74 -6.24
CA MET A 83 -3.29 -11.15 -6.58
C MET A 83 -2.23 -11.85 -5.74
N GLN A 84 -2.33 -11.65 -4.42
CA GLN A 84 -1.38 -12.20 -3.46
C GLN A 84 -1.27 -13.75 -3.39
N ARG A 85 -2.37 -14.42 -3.79
CA ARG A 85 -2.32 -15.89 -3.92
C ARG A 85 -1.31 -16.45 -4.95
N MET A 86 -0.84 -15.62 -5.88
N MET A 86 -0.84 -15.62 -5.88
N MET A 86 -0.85 -15.62 -5.88
N MET A 86 -0.85 -15.62 -5.88
CA MET A 86 0.30 -16.02 -6.73
CA MET A 86 0.30 -16.02 -6.73
CA MET A 86 0.28 -16.01 -6.72
CA MET A 86 0.28 -16.01 -6.72
C MET A 86 1.60 -16.19 -5.95
C MET A 86 1.60 -16.19 -5.95
C MET A 86 1.59 -16.19 -5.95
C MET A 86 1.59 -16.19 -5.95
N ALA A 87 1.75 -15.50 -4.81
CA ALA A 87 2.97 -15.62 -4.02
C ALA A 87 2.91 -16.73 -3.00
N HIS A 88 1.75 -16.98 -2.51
CA HIS A 88 1.55 -18.00 -1.43
C HIS A 88 0.10 -18.41 -1.44
N VAL A 89 -0.18 -19.71 -1.21
CA VAL A 89 -1.53 -20.21 -1.28
C VAL A 89 -2.56 -19.49 -0.44
N ASP A 90 -2.18 -18.94 0.73
CA ASP A 90 -3.09 -18.24 1.60
C ASP A 90 -3.29 -16.74 1.29
N GLY A 91 -2.40 -16.22 0.42
CA GLY A 91 -2.52 -14.84 -0.13
C GLY A 91 -2.96 -13.82 0.90
N GLU A 92 -4.01 -13.11 0.60
CA GLU A 92 -4.52 -11.99 1.39
C GLU A 92 -4.96 -12.40 2.82
N LEU A 93 -5.36 -13.69 2.98
CA LEU A 93 -5.71 -14.15 4.31
C LEU A 93 -4.48 -14.27 5.19
N ALA A 94 -3.38 -14.73 4.66
CA ALA A 94 -2.08 -14.67 5.38
C ALA A 94 -1.72 -13.20 5.74
N THR A 95 -1.86 -12.30 4.77
CA THR A 95 -1.51 -10.89 5.05
C THR A 95 -2.33 -10.29 6.16
N VAL A 96 -3.66 -10.49 6.17
CA VAL A 96 -4.48 -9.85 7.16
C VAL A 96 -4.19 -10.42 8.56
N ARG A 97 -3.89 -11.71 8.58
CA ARG A 97 -3.60 -12.35 9.88
C ARG A 97 -2.33 -11.76 10.47
N ALA A 98 -1.35 -11.47 9.63
CA ALA A 98 -0.12 -10.84 10.09
C ALA A 98 -0.34 -9.42 10.59
N CYS A 99 -1.16 -8.68 9.87
CA CYS A 99 -1.48 -7.32 10.27
C CYS A 99 -2.17 -7.33 11.63
N GLN A 100 -3.09 -8.26 11.84
CA GLN A 100 -3.78 -8.36 13.14
C GLN A 100 -2.74 -8.64 14.24
N SER A 101 -1.80 -9.54 13.99
CA SER A 101 -0.72 -9.88 14.99
C SER A 101 0.07 -8.62 15.33
N LEU A 102 0.41 -7.85 14.31
CA LEU A 102 1.28 -6.69 14.48
C LEU A 102 0.55 -5.50 15.03
N GLY A 103 -0.76 -5.43 14.89
CA GLY A 103 -1.48 -4.23 15.27
C GLY A 103 -1.43 -3.11 14.26
N THR A 104 -1.28 -3.44 12.98
CA THR A 104 -1.27 -2.41 11.93
C THR A 104 -2.35 -2.72 10.95
N GLY A 105 -2.51 -1.86 9.95
CA GLY A 105 -3.61 -1.97 9.05
C GLY A 105 -3.24 -2.50 7.68
N MET A 106 -4.24 -3.16 7.06
CA MET A 106 -4.11 -3.70 5.73
C MET A 106 -5.06 -3.01 4.77
N MET A 107 -4.50 -2.52 3.67
CA MET A 107 -5.25 -1.99 2.54
C MET A 107 -5.44 -3.14 1.53
N LEU A 108 -6.70 -3.50 1.32
N LEU A 108 -6.70 -3.50 1.32
N LEU A 108 -6.68 -3.60 1.37
N LEU A 108 -6.68 -3.60 1.37
CA LEU A 108 -7.10 -4.60 0.46
CA LEU A 108 -7.10 -4.60 0.46
CA LEU A 108 -7.00 -4.71 0.46
CA LEU A 108 -7.00 -4.71 0.46
C LEU A 108 -7.30 -4.16 -0.99
C LEU A 108 -7.30 -4.16 -0.99
C LEU A 108 -7.27 -4.19 -0.95
C LEU A 108 -7.27 -4.19 -0.95
N SER A 109 -6.59 -4.79 -1.91
CA SER A 109 -6.77 -4.48 -3.34
C SER A 109 -8.16 -4.77 -3.82
N SER A 110 -8.65 -3.94 -4.72
CA SER A 110 -9.86 -4.32 -5.50
C SER A 110 -9.62 -5.59 -6.39
N TRP A 111 -8.35 -5.88 -6.69
N TRP A 111 -8.35 -5.88 -6.69
N TRP A 111 -8.38 -5.86 -6.75
N TRP A 111 -8.38 -5.86 -6.75
CA TRP A 111 -7.90 -7.00 -7.53
CA TRP A 111 -7.90 -7.00 -7.53
CA TRP A 111 -8.08 -7.03 -7.55
CA TRP A 111 -8.08 -7.03 -7.55
C TRP A 111 -7.25 -8.15 -6.73
C TRP A 111 -7.25 -8.15 -6.73
C TRP A 111 -7.62 -8.13 -6.62
C TRP A 111 -7.62 -8.13 -6.62
N ALA A 112 -7.72 -8.32 -5.51
N ALA A 112 -7.72 -8.32 -5.51
N ALA A 112 -8.48 -8.49 -5.67
N ALA A 112 -8.48 -8.49 -5.67
CA ALA A 112 -7.27 -9.39 -4.67
CA ALA A 112 -7.27 -9.39 -4.67
CA ALA A 112 -8.10 -9.44 -4.63
CA ALA A 112 -8.10 -9.44 -4.63
C ALA A 112 -7.73 -10.75 -5.15
C ALA A 112 -7.73 -10.75 -5.15
C ALA A 112 -8.59 -10.83 -4.96
C ALA A 112 -8.59 -10.83 -4.96
N THR A 113 -6.93 -11.77 -4.83
N THR A 113 -6.93 -11.77 -4.83
N THR A 113 -7.75 -11.81 -4.64
N THR A 113 -7.75 -11.81 -4.64
CA THR A 113 -7.27 -13.17 -5.05
CA THR A 113 -7.27 -13.17 -5.05
CA THR A 113 -8.08 -13.22 -4.77
CA THR A 113 -8.08 -13.22 -4.77
C THR A 113 -8.01 -13.77 -3.85
C THR A 113 -8.01 -13.77 -3.85
C THR A 113 -8.83 -13.72 -3.54
C THR A 113 -8.83 -13.72 -3.54
N SER A 114 -8.59 -12.91 -3.01
N SER A 114 -8.59 -12.91 -3.01
N SER A 114 -9.17 -12.81 -2.65
N SER A 114 -9.17 -12.81 -2.65
CA SER A 114 -9.43 -13.28 -1.88
CA SER A 114 -9.43 -13.28 -1.88
CA SER A 114 -10.05 -13.13 -1.56
CA SER A 114 -10.05 -13.13 -1.56
C SER A 114 -10.51 -12.20 -1.74
C SER A 114 -10.51 -12.20 -1.74
C SER A 114 -11.15 -12.10 -1.57
C SER A 114 -11.15 -12.10 -1.57
N SER A 115 -11.71 -12.55 -1.25
N SER A 115 -11.71 -12.55 -1.25
N SER A 115 -12.34 -12.54 -1.23
N SER A 115 -12.34 -12.54 -1.23
CA SER A 115 -12.85 -11.59 -1.23
CA SER A 115 -12.85 -11.59 -1.23
CA SER A 115 -13.41 -11.62 -1.17
CA SER A 115 -13.41 -11.62 -1.17
C SER A 115 -12.94 -10.63 -0.01
C SER A 115 -12.94 -10.63 -0.01
C SER A 115 -13.09 -10.69 -0.04
C SER A 115 -13.09 -10.69 -0.04
N ILE A 116 -13.69 -9.52 -0.13
CA ILE A 116 -13.83 -8.56 0.98
C ILE A 116 -14.31 -9.31 2.27
N GLU A 117 -15.32 -10.16 2.13
CA GLU A 117 -15.81 -10.91 3.28
C GLU A 117 -14.79 -11.92 3.80
N GLU A 118 -14.14 -12.68 2.93
CA GLU A 118 -13.13 -13.70 3.33
C GLU A 118 -12.04 -13.00 4.19
N VAL A 119 -11.59 -11.83 3.73
CA VAL A 119 -10.54 -11.15 4.45
C VAL A 119 -10.99 -10.63 5.82
N ALA A 120 -12.21 -10.10 5.93
CA ALA A 120 -12.76 -9.62 7.22
C ALA A 120 -12.93 -10.83 8.18
N GLU A 121 -13.30 -11.98 7.63
CA GLU A 121 -13.42 -13.25 8.42
C GLU A 121 -12.08 -13.79 8.94
N ALA A 122 -11.02 -13.66 8.14
N ALA A 122 -11.02 -13.66 8.14
N ALA A 122 -11.02 -13.67 8.14
N ALA A 122 -11.02 -13.67 8.14
CA ALA A 122 -9.68 -14.07 8.56
CA ALA A 122 -9.68 -14.07 8.56
CA ALA A 122 -9.69 -14.07 8.58
CA ALA A 122 -9.69 -14.07 8.58
C ALA A 122 -9.03 -13.08 9.53
C ALA A 122 -9.03 -13.08 9.53
C ALA A 122 -9.09 -13.08 9.61
C ALA A 122 -9.09 -13.08 9.61
N GLY A 123 -9.41 -11.80 9.46
CA GLY A 123 -8.84 -10.74 10.31
C GLY A 123 -9.89 -9.84 10.92
N PRO A 124 -10.82 -10.38 11.71
N PRO A 124 -10.82 -10.38 11.71
N PRO A 124 -10.76 -10.42 11.76
N PRO A 124 -10.76 -10.42 11.76
CA PRO A 124 -11.92 -9.52 12.17
CA PRO A 124 -11.92 -9.52 12.17
CA PRO A 124 -11.91 -9.74 12.37
CA PRO A 124 -11.91 -9.74 12.37
C PRO A 124 -11.47 -8.32 13.00
C PRO A 124 -11.47 -8.32 13.00
C PRO A 124 -11.51 -8.58 13.26
C PRO A 124 -11.51 -8.58 13.26
N GLU A 125 -10.51 -8.57 13.89
N GLU A 125 -10.51 -8.57 13.89
N GLU A 125 -10.33 -8.68 13.86
N GLU A 125 -10.33 -8.68 13.86
CA GLU A 125 -9.93 -7.53 14.71
CA GLU A 125 -9.93 -7.53 14.71
CA GLU A 125 -9.78 -7.68 14.75
CA GLU A 125 -9.78 -7.68 14.75
C GLU A 125 -8.90 -6.64 14.04
C GLU A 125 -8.90 -6.64 14.04
C GLU A 125 -8.72 -6.79 14.12
C GLU A 125 -8.72 -6.79 14.12
N ALA A 126 -8.42 -7.01 12.84
CA ALA A 126 -7.42 -6.20 12.13
C ALA A 126 -8.04 -4.92 11.60
N LEU A 127 -7.27 -3.84 11.61
CA LEU A 127 -7.65 -2.62 10.94
C LEU A 127 -7.53 -2.86 9.41
N ARG A 128 -8.66 -2.65 8.68
CA ARG A 128 -8.74 -3.02 7.27
C ARG A 128 -9.33 -1.89 6.52
N TRP A 129 -8.76 -1.60 5.33
CA TRP A 129 -9.29 -0.61 4.44
C TRP A 129 -9.42 -1.20 3.03
N LEU A 130 -10.31 -0.62 2.20
CA LEU A 130 -10.48 -1.06 0.84
C LEU A 130 -9.87 -0.10 -0.14
N GLN A 131 -8.98 -0.63 -1.00
CA GLN A 131 -8.54 0.14 -2.20
C GLN A 131 -9.56 -0.11 -3.30
N LEU A 132 -10.05 0.99 -3.86
N LEU A 132 -10.05 0.99 -3.86
N LEU A 132 -10.06 0.99 -3.86
N LEU A 132 -10.06 0.99 -3.86
CA LEU A 132 -11.12 0.98 -4.85
CA LEU A 132 -11.12 0.98 -4.85
CA LEU A 132 -11.13 0.94 -4.85
CA LEU A 132 -11.13 0.94 -4.85
C LEU A 132 -10.64 1.50 -6.19
C LEU A 132 -10.64 1.50 -6.19
C LEU A 132 -10.66 1.50 -6.18
C LEU A 132 -10.66 1.50 -6.18
N TYR A 133 -11.02 0.80 -7.25
CA TYR A 133 -10.96 1.34 -8.58
C TYR A 133 -12.41 1.69 -8.96
N ILE A 134 -12.54 2.71 -9.79
N ILE A 134 -12.54 2.71 -9.79
N ILE A 134 -12.63 2.89 -9.55
N ILE A 134 -12.63 2.89 -9.55
CA ILE A 134 -13.81 3.05 -10.42
CA ILE A 134 -13.81 3.05 -10.42
CA ILE A 134 -13.98 3.28 -10.07
CA ILE A 134 -13.98 3.28 -10.07
C ILE A 134 -13.93 2.23 -11.70
C ILE A 134 -13.93 2.23 -11.70
C ILE A 134 -14.17 2.69 -11.47
C ILE A 134 -14.17 2.69 -11.47
N TYR A 135 -14.79 1.21 -11.63
N TYR A 135 -14.79 1.21 -11.63
N TYR A 135 -14.99 1.63 -11.53
N TYR A 135 -14.99 1.63 -11.53
CA TYR A 135 -15.15 0.42 -12.78
CA TYR A 135 -15.15 0.42 -12.78
CA TYR A 135 -15.11 0.78 -12.72
CA TYR A 135 -15.11 0.78 -12.72
C TYR A 135 -16.13 1.23 -13.63
C TYR A 135 -16.13 1.23 -13.63
C TYR A 135 -16.14 1.38 -13.65
C TYR A 135 -16.14 1.38 -13.65
N LYS A 136 -16.08 1.02 -14.93
CA LYS A 136 -17.10 1.55 -15.86
C LYS A 136 -18.51 1.13 -15.36
N ASP A 137 -18.58 -0.07 -14.80
CA ASP A 137 -19.82 -0.53 -14.11
C ASP A 137 -19.87 0.10 -12.68
N ARG A 138 -20.65 1.13 -12.53
CA ARG A 138 -20.83 1.86 -11.24
C ARG A 138 -21.62 1.03 -10.25
N GLU A 139 -22.36 0.03 -10.73
CA GLU A 139 -23.10 -0.82 -9.79
C GLU A 139 -22.13 -1.74 -9.05
N VAL A 140 -21.15 -2.28 -9.79
CA VAL A 140 -20.05 -3.15 -9.27
C VAL A 140 -19.32 -2.27 -8.23
N THR A 141 -19.03 -1.04 -8.62
CA THR A 141 -18.23 -0.18 -7.78
C THR A 141 -18.94 0.07 -6.45
N LYS A 142 -20.20 0.49 -6.49
CA LYS A 142 -21.04 0.68 -5.34
C LYS A 142 -21.11 -0.57 -4.43
N LYS A 143 -21.20 -1.77 -5.01
CA LYS A 143 -21.34 -3.05 -4.27
C LYS A 143 -20.06 -3.27 -3.46
N LEU A 144 -18.91 -2.86 -4.02
CA LEU A 144 -17.62 -3.00 -3.32
C LEU A 144 -17.59 -2.10 -2.13
N VAL A 145 -18.01 -0.84 -2.27
CA VAL A 145 -18.06 0.12 -1.20
C VAL A 145 -19.03 -0.39 -0.11
N ARG A 146 -20.20 -0.84 -0.54
CA ARG A 146 -21.20 -1.31 0.44
C ARG A 146 -20.73 -2.52 1.19
N GLN A 147 -20.08 -3.48 0.52
CA GLN A 147 -19.49 -4.65 1.18
C GLN A 147 -18.41 -4.25 2.20
N ALA A 148 -17.56 -3.29 1.83
CA ALA A 148 -16.51 -2.79 2.73
C ALA A 148 -17.17 -2.26 4.00
N GLU A 149 -18.19 -1.41 3.88
CA GLU A 149 -18.95 -0.81 5.00
C GLU A 149 -19.52 -1.93 5.89
N LYS A 150 -20.19 -2.89 5.26
CA LYS A 150 -20.90 -3.99 6.03
C LYS A 150 -19.91 -4.85 6.74
N MET A 151 -18.74 -5.03 6.11
CA MET A 151 -17.72 -5.89 6.68
C MET A 151 -16.66 -5.19 7.60
N GLY A 152 -16.90 -3.96 8.03
CA GLY A 152 -16.12 -3.34 9.07
C GLY A 152 -14.78 -2.79 8.58
N TYR A 153 -14.71 -2.53 7.28
CA TYR A 153 -13.56 -1.75 6.77
C TYR A 153 -13.74 -0.27 7.17
N LYS A 154 -12.62 0.41 7.40
N LYS A 154 -12.62 0.41 7.40
N LYS A 154 -12.62 0.41 7.40
N LYS A 154 -12.62 0.41 7.40
CA LYS A 154 -12.62 1.72 8.01
CA LYS A 154 -12.62 1.72 8.01
CA LYS A 154 -12.62 1.72 8.01
CA LYS A 154 -12.62 1.72 8.01
C LYS A 154 -12.32 2.90 7.10
C LYS A 154 -12.32 2.90 7.10
C LYS A 154 -12.32 2.90 7.10
C LYS A 154 -12.32 2.90 7.10
N ALA A 155 -11.95 2.65 5.84
CA ALA A 155 -11.71 3.70 4.88
C ALA A 155 -11.67 3.12 3.50
N ILE A 156 -11.84 4.02 2.52
CA ILE A 156 -11.75 3.72 1.11
C ILE A 156 -10.54 4.49 0.57
N PHE A 157 -9.61 3.79 -0.08
CA PHE A 157 -8.49 4.45 -0.78
C PHE A 157 -8.83 4.35 -2.25
N VAL A 158 -9.23 5.48 -2.82
CA VAL A 158 -9.58 5.48 -4.25
C VAL A 158 -8.32 5.75 -5.10
N THR A 159 -8.01 4.83 -5.98
CA THR A 159 -6.79 4.97 -6.82
C THR A 159 -7.15 5.85 -7.97
N VAL A 160 -6.40 6.93 -8.14
CA VAL A 160 -6.73 7.95 -9.18
C VAL A 160 -5.70 8.11 -10.23
N ASP A 161 -4.69 7.25 -10.25
CA ASP A 161 -3.57 7.39 -11.23
C ASP A 161 -3.57 6.29 -12.30
N THR A 162 -4.70 5.58 -12.46
CA THR A 162 -4.75 4.42 -13.34
C THR A 162 -5.97 4.48 -14.26
N PRO A 163 -6.10 5.52 -15.07
CA PRO A 163 -7.21 5.51 -16.11
C PRO A 163 -6.99 4.37 -17.08
N TYR A 164 -5.74 4.02 -17.34
CA TYR A 164 -5.24 2.86 -18.09
C TYR A 164 -4.09 2.29 -17.31
N LEU A 165 -3.75 1.02 -17.56
N LEU A 165 -3.75 1.02 -17.56
N LEU A 165 -3.75 1.03 -17.58
N LEU A 165 -3.75 1.03 -17.58
CA LEU A 165 -2.59 0.43 -16.93
CA LEU A 165 -2.59 0.43 -16.93
CA LEU A 165 -2.60 0.40 -16.97
CA LEU A 165 -2.60 0.40 -16.97
C LEU A 165 -1.31 0.94 -17.59
C LEU A 165 -1.31 0.94 -17.59
C LEU A 165 -1.27 0.87 -17.61
C LEU A 165 -1.27 0.87 -17.61
N GLY A 166 -0.26 1.13 -16.77
CA GLY A 166 1.06 1.40 -17.26
C GLY A 166 1.62 0.23 -18.06
N ASN A 167 2.62 0.50 -18.89
CA ASN A 167 3.27 -0.46 -19.77
C ASN A 167 4.49 -1.02 -19.04
N ARG A 168 4.32 -2.21 -18.47
N ARG A 168 4.32 -2.21 -18.47
N ARG A 168 4.32 -2.21 -18.47
N ARG A 168 4.32 -2.21 -18.47
CA ARG A 168 5.40 -2.94 -17.77
CA ARG A 168 5.40 -2.94 -17.77
CA ARG A 168 5.40 -2.94 -17.77
CA ARG A 168 5.40 -2.94 -17.77
C ARG A 168 5.91 -3.95 -18.79
C ARG A 168 5.91 -3.95 -18.79
C ARG A 168 5.91 -3.95 -18.79
C ARG A 168 5.91 -3.95 -18.79
N LEU A 169 7.12 -3.73 -19.26
CA LEU A 169 7.64 -4.44 -20.42
C LEU A 169 7.77 -5.96 -20.18
N ASP A 170 8.19 -6.36 -18.99
N ASP A 170 8.19 -6.36 -18.99
CA ASP A 170 8.30 -7.80 -18.73
CA ASP A 170 8.30 -7.80 -18.73
C ASP A 170 6.93 -8.51 -18.80
C ASP A 170 6.93 -8.51 -18.80
N ASP A 171 5.86 -7.84 -18.40
N ASP A 171 5.86 -7.84 -18.40
CA ASP A 171 4.50 -8.44 -18.43
CA ASP A 171 4.50 -8.44 -18.43
C ASP A 171 4.09 -8.66 -19.87
C ASP A 171 4.09 -8.66 -19.87
N VAL A 172 4.43 -7.70 -20.72
N VAL A 172 4.43 -7.70 -20.72
CA VAL A 172 4.14 -7.84 -22.15
CA VAL A 172 4.14 -7.84 -22.15
C VAL A 172 4.96 -9.01 -22.71
C VAL A 172 4.96 -9.01 -22.71
N ARG A 173 6.26 -9.06 -22.39
N ARG A 173 6.26 -9.06 -22.39
CA ARG A 173 7.13 -10.16 -22.85
CA ARG A 173 7.13 -10.16 -22.85
C ARG A 173 6.59 -11.52 -22.35
C ARG A 173 6.59 -11.52 -22.35
N ASN A 174 6.30 -11.62 -21.05
N ASN A 174 6.30 -11.62 -21.05
CA ASN A 174 5.80 -12.88 -20.48
CA ASN A 174 5.80 -12.88 -20.48
C ASN A 174 4.28 -13.13 -20.70
C ASN A 174 4.28 -13.13 -20.70
N ARG A 175 3.63 -12.30 -21.50
N ARG A 175 3.63 -12.30 -21.50
CA ARG A 175 2.16 -12.36 -21.66
CA ARG A 175 2.16 -12.36 -21.66
C ARG A 175 1.46 -12.66 -20.33
C ARG A 175 1.46 -12.66 -20.33
N PHE A 176 1.56 -11.74 -19.37
N PHE A 176 1.56 -11.74 -19.37
CA PHE A 176 1.10 -12.00 -18.02
CA PHE A 176 1.10 -12.00 -18.02
C PHE A 176 -0.39 -12.38 -17.92
C PHE A 176 -0.39 -12.38 -17.92
N LYS A 177 -0.66 -13.43 -17.14
N LYS A 177 -0.66 -13.43 -17.14
CA LYS A 177 -2.02 -13.83 -16.78
CA LYS A 177 -2.02 -13.83 -16.78
C LYS A 177 -2.00 -14.45 -15.37
C LYS A 177 -2.00 -14.45 -15.37
N LEU A 178 -3.15 -14.52 -14.72
N LEU A 178 -3.15 -14.52 -14.72
CA LEU A 178 -3.27 -15.29 -13.48
CA LEU A 178 -3.27 -15.29 -13.48
C LEU A 178 -3.01 -16.77 -13.75
C LEU A 178 -3.01 -16.77 -13.75
N PRO A 179 -2.36 -17.46 -12.79
N PRO A 179 -2.36 -17.46 -12.79
CA PRO A 179 -2.31 -18.92 -12.88
CA PRO A 179 -2.31 -18.92 -12.88
C PRO A 179 -3.74 -19.45 -12.91
C PRO A 179 -3.74 -19.45 -12.91
N PRO A 180 -3.92 -20.67 -13.43
N PRO A 180 -3.92 -20.67 -13.43
CA PRO A 180 -5.24 -21.21 -13.79
CA PRO A 180 -5.24 -21.21 -13.79
C PRO A 180 -6.25 -21.33 -12.64
C PRO A 180 -6.25 -21.33 -12.64
N GLN A 181 -5.78 -21.65 -11.44
N GLN A 181 -5.78 -21.65 -11.44
CA GLN A 181 -6.69 -21.94 -10.34
CA GLN A 181 -6.69 -21.94 -10.34
C GLN A 181 -7.15 -20.69 -9.57
C GLN A 181 -7.15 -20.69 -9.57
N LEU A 182 -6.69 -19.52 -9.99
N LEU A 182 -6.69 -19.52 -9.99
CA LEU A 182 -6.95 -18.30 -9.21
CA LEU A 182 -6.95 -18.30 -9.21
C LEU A 182 -7.95 -17.40 -9.93
C LEU A 182 -7.95 -17.40 -9.93
N ARG A 183 -8.63 -16.56 -9.16
N ARG A 183 -8.63 -16.56 -9.16
CA ARG A 183 -9.52 -15.55 -9.74
CA ARG A 183 -9.52 -15.55 -9.74
C ARG A 183 -9.48 -14.26 -8.91
C ARG A 183 -9.48 -14.26 -8.91
N MET A 184 -9.79 -13.13 -9.53
N MET A 184 -9.79 -13.13 -9.53
CA MET A 184 -10.04 -11.91 -8.77
CA MET A 184 -10.04 -11.91 -8.77
C MET A 184 -11.42 -12.11 -8.13
C MET A 184 -11.42 -12.11 -8.13
N LYS A 185 -11.41 -12.35 -6.83
N LYS A 185 -11.41 -12.35 -6.83
CA LYS A 185 -12.57 -12.91 -6.12
CA LYS A 185 -12.57 -12.91 -6.12
C LYS A 185 -13.73 -11.99 -5.76
C LYS A 185 -13.73 -11.99 -5.76
N ASN A 186 -13.71 -10.71 -6.14
N ASN A 186 -13.71 -10.71 -6.14
CA ASN A 186 -14.82 -9.83 -5.75
CA ASN A 186 -14.82 -9.83 -5.75
C ASN A 186 -15.85 -9.59 -6.86
C ASN A 186 -15.85 -9.59 -6.86
N PHE A 187 -15.65 -10.24 -8.00
N PHE A 187 -15.65 -10.24 -8.00
CA PHE A 187 -16.55 -10.08 -9.15
CA PHE A 187 -16.55 -10.08 -9.15
C PHE A 187 -16.98 -11.45 -9.66
C PHE A 187 -16.98 -11.45 -9.66
N ASP A 203 -0.72 -9.30 -25.52
N ASP A 203 -0.72 -9.30 -25.52
CA ASP A 203 0.22 -8.48 -24.73
CA ASP A 203 0.22 -8.48 -24.73
C ASP A 203 0.05 -8.77 -23.24
C ASP A 203 0.05 -8.77 -23.24
N SER A 204 0.09 -7.75 -22.39
N SER A 204 0.09 -7.75 -22.39
CA SER A 204 -0.19 -7.99 -20.97
CA SER A 204 -0.19 -7.99 -20.97
C SER A 204 -1.68 -8.25 -20.81
C SER A 204 -1.68 -8.25 -20.81
N GLY A 205 -2.03 -9.38 -20.19
N GLY A 205 -2.03 -9.38 -20.19
CA GLY A 205 -3.42 -9.70 -19.92
CA GLY A 205 -3.42 -9.70 -19.92
C GLY A 205 -4.04 -8.69 -18.98
C GLY A 205 -4.04 -8.69 -18.98
N LEU A 206 -3.21 -8.12 -18.09
N LEU A 206 -3.21 -8.12 -18.09
CA LEU A 206 -3.75 -7.19 -17.11
CA LEU A 206 -3.75 -7.19 -17.11
C LEU A 206 -4.06 -5.84 -17.76
C LEU A 206 -4.06 -5.84 -17.76
N ALA A 207 -3.23 -5.39 -18.69
N ALA A 207 -3.23 -5.39 -18.69
CA ALA A 207 -3.49 -4.13 -19.37
CA ALA A 207 -3.49 -4.13 -19.37
C ALA A 207 -4.79 -4.22 -20.13
C ALA A 207 -4.79 -4.22 -20.13
N ALA A 208 -4.99 -5.35 -20.83
N ALA A 208 -4.99 -5.35 -20.83
CA ALA A 208 -6.24 -5.60 -21.57
CA ALA A 208 -6.24 -5.60 -21.57
C ALA A 208 -7.48 -5.62 -20.65
C ALA A 208 -7.48 -5.62 -20.65
N TYR A 209 -7.34 -6.25 -19.49
N TYR A 209 -7.34 -6.25 -19.49
CA TYR A 209 -8.41 -6.31 -18.50
CA TYR A 209 -8.41 -6.31 -18.50
C TYR A 209 -8.79 -4.90 -18.08
C TYR A 209 -8.79 -4.90 -18.08
N VAL A 210 -7.79 -4.12 -17.67
N VAL A 210 -7.79 -4.12 -17.67
CA VAL A 210 -8.05 -2.76 -17.24
CA VAL A 210 -8.05 -2.76 -17.24
C VAL A 210 -8.79 -1.97 -18.31
C VAL A 210 -8.79 -1.97 -18.31
N ALA A 211 -8.36 -2.10 -19.56
N ALA A 211 -8.36 -2.10 -19.56
CA ALA A 211 -8.95 -1.32 -20.63
CA ALA A 211 -8.95 -1.32 -20.63
C ALA A 211 -10.43 -1.68 -20.77
C ALA A 211 -10.43 -1.68 -20.77
N LYS A 212 -10.76 -2.95 -20.51
N LYS A 212 -10.76 -2.95 -20.51
CA LYS A 212 -12.17 -3.37 -20.62
CA LYS A 212 -12.17 -3.37 -20.62
C LYS A 212 -12.99 -3.06 -19.39
C LYS A 212 -12.99 -3.06 -19.39
N ALA A 213 -12.35 -3.03 -18.23
N ALA A 213 -12.35 -3.03 -18.23
N ALA A 213 -12.25 -2.86 -17.82
N ALA A 213 -12.25 -2.86 -17.82
CA ALA A 213 -13.04 -2.99 -16.96
CA ALA A 213 -13.04 -2.99 -16.96
CA ALA A 213 -13.16 -2.52 -16.74
CA ALA A 213 -13.16 -2.52 -16.74
C ALA A 213 -13.04 -1.63 -16.27
C ALA A 213 -13.04 -1.63 -16.27
C ALA A 213 -12.93 -1.18 -16.05
C ALA A 213 -12.93 -1.18 -16.05
N ILE A 214 -11.93 -0.90 -16.37
N ILE A 214 -11.93 -0.90 -16.37
N ILE A 214 -11.69 -0.79 -15.79
N ILE A 214 -11.69 -0.79 -15.79
CA ILE A 214 -11.70 0.29 -15.57
CA ILE A 214 -11.70 0.29 -15.57
CA ILE A 214 -11.43 0.53 -15.22
CA ILE A 214 -11.43 0.53 -15.22
C ILE A 214 -12.01 1.60 -16.37
C ILE A 214 -12.01 1.60 -16.37
C ILE A 214 -11.88 1.60 -16.18
C ILE A 214 -11.88 1.60 -16.18
N ASP A 215 -12.66 2.59 -15.74
N ASP A 215 -12.66 2.59 -15.74
N ASP A 215 -12.53 2.61 -15.64
N ASP A 215 -12.53 2.61 -15.64
CA ASP A 215 -13.16 3.80 -16.46
CA ASP A 215 -13.16 3.80 -16.46
CA ASP A 215 -13.04 3.68 -16.44
CA ASP A 215 -13.04 3.68 -16.44
C ASP A 215 -12.10 4.90 -16.68
C ASP A 215 -12.10 4.90 -16.68
C ASP A 215 -11.99 4.79 -16.66
C ASP A 215 -11.99 4.79 -16.66
N PRO A 216 -11.60 5.04 -17.92
CA PRO A 216 -10.61 6.12 -18.17
C PRO A 216 -11.22 7.51 -18.18
N SER A 217 -12.56 7.62 -18.16
CA SER A 217 -13.20 8.88 -18.09
C SER A 217 -13.32 9.51 -16.75
N ILE A 218 -12.85 8.88 -15.69
CA ILE A 218 -13.20 9.51 -14.43
C ILE A 218 -12.57 10.87 -14.20
N SER A 219 -13.32 11.71 -13.52
CA SER A 219 -12.95 13.06 -13.27
C SER A 219 -13.30 13.37 -11.84
N TRP A 220 -13.07 14.60 -11.48
CA TRP A 220 -13.47 15.09 -10.16
C TRP A 220 -14.97 14.92 -9.94
N GLU A 221 -15.78 14.93 -11.00
CA GLU A 221 -17.21 14.64 -10.81
C GLU A 221 -17.49 13.29 -10.22
N ASP A 222 -16.69 12.28 -10.57
CA ASP A 222 -16.81 10.97 -10.00
C ASP A 222 -16.33 10.90 -8.52
N ILE A 223 -15.36 11.73 -8.15
CA ILE A 223 -14.95 11.89 -6.73
C ILE A 223 -16.17 12.47 -5.98
N LYS A 224 -16.85 13.47 -6.55
CA LYS A 224 -18.07 14.01 -5.91
C LYS A 224 -19.09 12.93 -5.68
N TRP A 225 -19.27 12.04 -6.64
CA TRP A 225 -20.20 10.89 -6.56
C TRP A 225 -19.78 9.96 -5.41
N LEU A 226 -18.49 9.67 -5.34
CA LEU A 226 -18.03 8.71 -4.36
C LEU A 226 -18.16 9.31 -2.96
N ARG A 227 -17.91 10.61 -2.81
CA ARG A 227 -18.01 11.31 -1.54
C ARG A 227 -19.48 11.27 -1.05
N ARG A 228 -20.40 11.27 -1.98
CA ARG A 228 -21.86 11.26 -1.65
C ARG A 228 -22.32 9.83 -1.31
N LEU A 229 -21.67 8.82 -1.88
CA LEU A 229 -21.97 7.42 -1.81
C LEU A 229 -21.71 6.84 -0.43
N THR A 230 -20.59 7.24 0.20
CA THR A 230 -20.19 6.67 1.50
C THR A 230 -19.81 7.76 2.49
N SER A 231 -20.10 7.53 3.76
CA SER A 231 -19.60 8.37 4.82
C SER A 231 -18.22 7.90 5.39
N LEU A 232 -17.74 6.74 4.93
CA LEU A 232 -16.38 6.32 5.35
C LEU A 232 -15.38 7.38 4.91
N PRO A 233 -14.26 7.46 5.63
CA PRO A 233 -13.18 8.33 5.18
C PRO A 233 -12.69 7.84 3.79
N ILE A 234 -12.34 8.80 2.95
CA ILE A 234 -11.84 8.49 1.61
C ILE A 234 -10.49 9.14 1.45
N VAL A 235 -9.50 8.35 1.00
CA VAL A 235 -8.17 8.85 0.73
C VAL A 235 -7.92 8.75 -0.80
N ALA A 236 -7.40 9.84 -1.35
CA ALA A 236 -7.00 9.84 -2.81
C ALA A 236 -5.62 9.23 -2.91
N LYS A 237 -5.51 8.13 -3.63
CA LYS A 237 -4.24 7.42 -3.77
C LYS A 237 -3.68 7.62 -5.19
N GLY A 238 -2.48 8.18 -5.22
CA GLY A 238 -1.76 8.42 -6.50
C GLY A 238 -1.60 9.86 -6.88
N ILE A 239 -1.84 10.78 -5.98
CA ILE A 239 -1.59 12.18 -6.20
C ILE A 239 -0.13 12.53 -6.11
N LEU A 240 0.31 13.32 -7.09
CA LEU A 240 1.71 13.74 -7.21
C LEU A 240 1.89 15.26 -7.33
N ARG A 241 0.82 16.05 -7.45
CA ARG A 241 0.85 17.53 -7.55
C ARG A 241 0.11 18.19 -6.39
N GLY A 242 0.65 19.31 -5.99
CA GLY A 242 -0.03 20.10 -4.91
C GLY A 242 -1.39 20.61 -5.33
N ASP A 243 -1.54 21.00 -6.59
CA ASP A 243 -2.87 21.47 -7.05
C ASP A 243 -3.93 20.41 -6.94
N ASP A 244 -3.58 19.17 -7.39
CA ASP A 244 -4.49 18.06 -7.25
C ASP A 244 -4.83 17.70 -5.75
N ALA A 245 -3.81 17.78 -4.89
CA ALA A 245 -4.05 17.58 -3.49
C ALA A 245 -5.03 18.60 -2.92
N ARG A 246 -4.89 19.86 -3.34
N ARG A 246 -4.89 19.86 -3.34
N ARG A 246 -4.89 19.86 -3.32
N ARG A 246 -4.89 19.86 -3.32
CA ARG A 246 -5.81 20.89 -2.88
CA ARG A 246 -5.81 20.89 -2.88
CA ARG A 246 -5.83 20.89 -2.86
CA ARG A 246 -5.83 20.89 -2.86
C ARG A 246 -7.23 20.68 -3.41
C ARG A 246 -7.23 20.68 -3.41
C ARG A 246 -7.26 20.57 -3.36
C ARG A 246 -7.26 20.57 -3.36
N GLU A 247 -7.35 20.14 -4.63
CA GLU A 247 -8.65 19.76 -5.18
C GLU A 247 -9.26 18.61 -4.41
N ALA A 248 -8.45 17.63 -3.96
CA ALA A 248 -8.98 16.55 -3.16
C ALA A 248 -9.54 17.04 -1.80
N VAL A 249 -8.85 17.97 -1.22
CA VAL A 249 -9.32 18.58 0.04
C VAL A 249 -10.65 19.33 -0.23
N LYS A 250 -10.69 20.08 -1.33
CA LYS A 250 -11.95 20.80 -1.72
C LYS A 250 -13.16 19.88 -1.89
N HIS A 251 -12.97 18.64 -2.35
CA HIS A 251 -14.00 17.65 -2.58
C HIS A 251 -14.41 16.85 -1.37
N GLY A 252 -13.84 17.21 -0.23
CA GLY A 252 -14.25 16.65 1.03
C GLY A 252 -13.57 15.32 1.32
N LEU A 253 -12.43 15.04 0.64
CA LEU A 253 -11.77 13.81 0.95
C LEU A 253 -10.94 13.98 2.25
N ASN A 254 -10.53 12.86 2.82
CA ASN A 254 -10.02 12.84 4.20
C ASN A 254 -8.53 12.48 4.30
N GLY A 255 -7.88 12.32 3.17
CA GLY A 255 -6.41 12.08 3.21
C GLY A 255 -5.87 11.99 1.81
N ILE A 256 -4.54 12.11 1.68
CA ILE A 256 -3.84 11.97 0.39
C ILE A 256 -2.80 10.91 0.60
N LEU A 257 -2.79 9.92 -0.26
CA LEU A 257 -1.68 8.91 -0.33
C LEU A 257 -0.78 9.30 -1.54
N VAL A 258 0.35 9.90 -1.22
CA VAL A 258 1.36 10.34 -2.20
C VAL A 258 1.98 9.05 -2.72
N SER A 259 1.78 8.78 -4.02
CA SER A 259 2.08 7.50 -4.57
C SER A 259 2.28 7.67 -6.06
N ASN A 260 3.26 6.96 -6.58
CA ASN A 260 3.44 6.77 -8.04
C ASN A 260 3.12 5.36 -8.45
N HIS A 261 2.30 4.70 -7.63
CA HIS A 261 1.81 3.33 -7.93
C HIS A 261 2.99 2.36 -8.00
N GLY A 262 3.97 2.50 -7.11
CA GLY A 262 5.15 1.63 -7.08
C GLY A 262 5.93 1.77 -8.40
N ALA A 263 5.87 2.93 -9.02
CA ALA A 263 6.59 3.25 -10.24
C ALA A 263 6.09 2.43 -11.40
N ARG A 264 4.82 2.01 -11.38
CA ARG A 264 4.27 1.08 -12.36
C ARG A 264 3.35 1.76 -13.36
N GLN A 265 3.11 3.05 -13.24
CA GLN A 265 2.15 3.75 -14.08
C GLN A 265 2.87 4.63 -15.08
N LEU A 266 2.99 5.94 -14.79
CA LEU A 266 3.79 6.87 -15.68
C LEU A 266 5.25 6.83 -15.25
N ASP A 267 6.15 6.38 -16.13
CA ASP A 267 7.55 6.42 -15.77
C ASP A 267 8.12 7.83 -15.99
N GLY A 268 9.08 8.22 -15.14
CA GLY A 268 9.67 9.54 -15.14
C GLY A 268 9.01 10.54 -14.27
N VAL A 269 8.01 10.14 -13.49
CA VAL A 269 7.56 11.00 -12.40
C VAL A 269 8.60 10.97 -11.28
N PRO A 270 8.60 11.98 -10.43
CA PRO A 270 9.53 11.97 -9.29
C PRO A 270 9.28 10.85 -8.30
N ALA A 271 10.30 10.62 -7.49
CA ALA A 271 10.14 9.78 -6.31
C ALA A 271 9.11 10.34 -5.38
N THR A 272 8.37 9.48 -4.66
CA THR A 272 7.36 9.97 -3.77
C THR A 272 7.97 10.72 -2.62
N ILE A 273 9.16 10.38 -2.10
CA ILE A 273 9.72 11.13 -0.99
C ILE A 273 10.10 12.55 -1.41
N ASP A 274 10.41 12.74 -2.70
CA ASP A 274 10.69 14.07 -3.22
C ASP A 274 9.48 14.93 -3.40
N VAL A 275 8.33 14.38 -3.75
CA VAL A 275 7.15 15.22 -3.89
C VAL A 275 6.38 15.36 -2.60
N LEU A 276 6.63 14.55 -1.58
CA LEU A 276 5.92 14.62 -0.31
C LEU A 276 5.92 16.03 0.28
N PRO A 277 7.07 16.72 0.36
CA PRO A 277 6.97 18.06 1.00
C PRO A 277 6.04 19.02 0.30
N GLU A 278 5.97 18.99 -1.02
CA GLU A 278 5.05 19.93 -1.74
C GLU A 278 3.62 19.60 -1.35
N ILE A 279 3.27 18.34 -1.27
CA ILE A 279 1.90 17.93 -0.96
C ILE A 279 1.56 18.25 0.48
N VAL A 280 2.46 17.95 1.42
CA VAL A 280 2.21 18.36 2.84
C VAL A 280 1.96 19.88 2.97
N GLU A 281 2.74 20.66 2.27
CA GLU A 281 2.59 22.14 2.25
C GLU A 281 1.25 22.50 1.68
N ALA A 282 0.88 21.89 0.57
CA ALA A 282 -0.34 22.27 -0.12
C ALA A 282 -1.60 22.03 0.66
N VAL A 283 -1.65 20.98 1.45
CA VAL A 283 -2.88 20.65 2.15
C VAL A 283 -3.05 21.41 3.51
N GLU A 284 -2.02 22.10 3.96
CA GLU A 284 -2.14 23.04 5.13
C GLU A 284 -2.71 22.35 6.35
N GLY A 285 -2.38 21.08 6.56
CA GLY A 285 -2.85 20.38 7.71
C GLY A 285 -4.30 19.97 7.75
N LYS A 286 -5.01 20.13 6.61
CA LYS A 286 -6.43 19.84 6.59
C LYS A 286 -6.76 18.37 6.57
N VAL A 287 -5.87 17.53 5.97
CA VAL A 287 -6.02 16.10 5.95
C VAL A 287 -4.63 15.47 6.16
N GLU A 288 -4.65 14.24 6.61
CA GLU A 288 -3.43 13.40 6.73
C GLU A 288 -2.87 13.13 5.34
N VAL A 289 -1.55 13.13 5.28
CA VAL A 289 -0.81 12.75 4.11
C VAL A 289 0.04 11.51 4.38
N PHE A 290 -0.08 10.51 3.49
CA PHE A 290 0.63 9.25 3.58
C PHE A 290 1.58 9.14 2.42
N LEU A 291 2.52 8.18 2.52
CA LEU A 291 3.44 7.92 1.40
C LEU A 291 3.58 6.43 1.13
N ASP A 292 3.74 6.06 -0.14
CA ASP A 292 4.26 4.71 -0.48
C ASP A 292 5.23 4.92 -1.64
N GLY A 293 5.99 3.86 -1.93
CA GLY A 293 6.95 3.85 -3.02
C GLY A 293 8.39 3.85 -2.48
N GLY A 294 9.04 2.68 -2.49
CA GLY A 294 10.41 2.60 -2.14
C GLY A 294 10.74 2.44 -0.69
N VAL A 295 9.75 2.25 0.17
CA VAL A 295 10.01 2.05 1.60
C VAL A 295 10.55 0.63 1.80
N ARG A 296 11.79 0.54 2.29
CA ARG A 296 12.46 -0.76 2.51
C ARG A 296 13.15 -0.85 3.86
N LYS A 297 13.33 0.27 4.55
CA LYS A 297 14.17 0.36 5.76
C LYS A 297 13.52 1.27 6.76
N GLY A 298 13.87 1.05 8.04
CA GLY A 298 13.36 1.92 9.10
C GLY A 298 13.73 3.36 8.85
N THR A 299 14.92 3.69 8.32
CA THR A 299 15.25 5.08 8.09
C THR A 299 14.36 5.69 7.00
N ASP A 300 13.82 4.92 6.09
CA ASP A 300 12.88 5.47 5.12
C ASP A 300 11.61 5.96 5.75
N VAL A 301 11.13 5.18 6.70
CA VAL A 301 9.96 5.57 7.48
C VAL A 301 10.21 6.85 8.26
N LEU A 302 11.37 6.94 8.91
CA LEU A 302 11.71 8.12 9.67
C LEU A 302 11.78 9.33 8.78
N LYS A 303 12.38 9.23 7.61
CA LYS A 303 12.45 10.37 6.69
C LYS A 303 11.10 10.82 6.24
N ALA A 304 10.19 9.92 5.93
CA ALA A 304 8.86 10.25 5.48
C ALA A 304 8.10 10.99 6.57
N LEU A 305 8.20 10.50 7.81
CA LEU A 305 7.53 11.17 8.93
C LEU A 305 8.15 12.52 9.22
N ALA A 306 9.45 12.68 9.09
CA ALA A 306 10.09 13.99 9.31
C ALA A 306 9.61 15.01 8.32
N LEU A 307 9.30 14.55 7.10
CA LEU A 307 8.80 15.43 6.02
C LEU A 307 7.29 15.58 6.09
N GLY A 308 6.61 15.03 7.08
CA GLY A 308 5.21 15.36 7.28
C GLY A 308 4.21 14.28 7.04
N ALA A 309 4.60 13.09 6.55
CA ALA A 309 3.68 11.99 6.38
C ALA A 309 3.22 11.49 7.74
N LYS A 310 1.97 11.12 7.85
CA LYS A 310 1.50 10.41 9.09
C LYS A 310 1.95 8.97 9.21
N ALA A 311 2.00 8.29 8.06
CA ALA A 311 2.36 6.87 8.00
C ALA A 311 2.74 6.61 6.58
N VAL A 312 3.42 5.46 6.46
CA VAL A 312 3.77 4.95 5.13
C VAL A 312 3.17 3.59 4.89
N PHE A 313 3.05 3.24 3.59
CA PHE A 313 2.55 1.94 3.16
C PHE A 313 3.67 1.24 2.43
N VAL A 314 3.68 -0.08 2.57
CA VAL A 314 4.63 -0.96 1.89
C VAL A 314 3.92 -1.88 0.97
N GLY A 315 4.42 -1.98 -0.26
CA GLY A 315 3.84 -2.86 -1.26
C GLY A 315 4.65 -4.13 -1.44
N ARG A 316 5.69 -4.08 -2.25
CA ARG A 316 6.44 -5.28 -2.61
C ARG A 316 6.98 -6.04 -1.42
N PRO A 317 7.49 -5.39 -0.38
CA PRO A 317 8.09 -6.18 0.76
C PRO A 317 7.08 -7.21 1.30
N ILE A 318 5.79 -6.89 1.30
CA ILE A 318 4.76 -7.83 1.79
C ILE A 318 4.67 -9.05 0.93
N VAL A 319 4.70 -8.84 -0.37
CA VAL A 319 4.67 -9.94 -1.33
C VAL A 319 5.88 -10.81 -1.14
N TRP A 320 7.05 -10.25 -0.92
CA TRP A 320 8.24 -11.07 -0.66
C TRP A 320 8.09 -11.86 0.64
N GLY A 321 7.50 -11.28 1.66
CA GLY A 321 7.22 -12.04 2.92
C GLY A 321 6.28 -13.21 2.65
N LEU A 322 5.22 -13.00 1.91
CA LEU A 322 4.34 -14.15 1.50
C LEU A 322 5.14 -15.21 0.79
N ALA A 323 5.96 -14.84 -0.17
CA ALA A 323 6.72 -15.81 -0.98
C ALA A 323 7.62 -16.65 -0.10
N PHE A 324 8.20 -16.06 0.93
CA PHE A 324 9.04 -16.82 1.88
C PHE A 324 8.25 -17.79 2.71
N GLN A 325 7.19 -17.32 3.33
CA GLN A 325 6.47 -18.14 4.37
C GLN A 325 5.10 -17.69 4.74
N GLY A 326 4.28 -17.22 3.78
CA GLY A 326 2.95 -16.82 3.99
C GLY A 326 2.79 -15.89 5.16
N GLU A 327 1.87 -16.19 6.08
CA GLU A 327 1.59 -15.33 7.21
C GLU A 327 2.85 -15.04 8.03
N LYS A 328 3.67 -16.06 8.31
CA LYS A 328 4.86 -15.87 9.13
C LYS A 328 5.84 -14.99 8.41
N GLY A 329 5.94 -15.10 7.09
CA GLY A 329 6.88 -14.31 6.31
C GLY A 329 6.40 -12.83 6.27
N VAL A 330 5.13 -12.57 6.16
CA VAL A 330 4.58 -11.20 6.24
C VAL A 330 4.86 -10.63 7.63
N GLN A 331 4.64 -11.43 8.68
CA GLN A 331 4.91 -10.98 10.04
C GLN A 331 6.36 -10.66 10.20
N ASP A 332 7.26 -11.47 9.66
CA ASP A 332 8.70 -11.24 9.78
C ASP A 332 9.09 -9.89 9.11
N VAL A 333 8.60 -9.68 7.88
CA VAL A 333 8.89 -8.45 7.16
C VAL A 333 8.41 -7.24 7.98
N LEU A 334 7.19 -7.28 8.51
CA LEU A 334 6.67 -6.16 9.28
C LEU A 334 7.44 -5.97 10.57
N GLU A 335 7.85 -7.07 11.19
CA GLU A 335 8.66 -6.96 12.41
C GLU A 335 10.04 -6.39 12.13
N ILE A 336 10.64 -6.74 11.01
CA ILE A 336 11.93 -6.15 10.64
C ILE A 336 11.81 -4.64 10.46
N LEU A 337 10.78 -4.20 9.73
CA LEU A 337 10.57 -2.77 9.50
C LEU A 337 10.32 -2.10 10.85
N LYS A 338 9.52 -2.71 11.73
CA LYS A 338 9.24 -2.14 13.03
C LYS A 338 10.51 -1.95 13.84
N GLU A 339 11.37 -2.96 13.90
N GLU A 339 11.37 -2.96 13.90
N GLU A 339 11.34 -2.96 13.86
N GLU A 339 11.34 -2.96 13.86
CA GLU A 339 12.58 -2.86 14.70
CA GLU A 339 12.58 -2.86 14.70
CA GLU A 339 12.59 -2.96 14.63
CA GLU A 339 12.59 -2.96 14.63
C GLU A 339 13.58 -1.91 14.06
C GLU A 339 13.58 -1.91 14.06
C GLU A 339 13.56 -1.96 14.05
C GLU A 339 13.56 -1.96 14.05
N GLU A 340 13.70 -1.94 12.73
CA GLU A 340 14.59 -0.90 12.09
C GLU A 340 14.05 0.50 12.39
N PHE A 341 12.74 0.70 12.35
CA PHE A 341 12.21 2.03 12.64
C PHE A 341 12.43 2.42 14.09
N ARG A 342 12.21 1.50 15.03
N ARG A 342 12.21 1.50 15.03
N ARG A 342 12.21 1.50 15.03
N ARG A 342 12.21 1.50 15.03
CA ARG A 342 12.51 1.74 16.45
CA ARG A 342 12.51 1.74 16.45
CA ARG A 342 12.48 1.78 16.44
CA ARG A 342 12.48 1.78 16.44
C ARG A 342 13.95 2.22 16.61
C ARG A 342 13.95 2.22 16.61
C ARG A 342 13.95 2.20 16.65
C ARG A 342 13.95 2.20 16.65
N LEU A 343 14.90 1.49 16.04
CA LEU A 343 16.29 1.80 16.17
C LEU A 343 16.58 3.18 15.57
N ALA A 344 16.05 3.45 14.40
CA ALA A 344 16.28 4.74 13.77
C ALA A 344 15.73 5.86 14.60
N MET A 345 14.56 5.66 15.21
CA MET A 345 13.98 6.70 16.08
C MET A 345 14.93 6.88 17.25
N ALA A 346 15.35 5.80 17.90
CA ALA A 346 16.22 5.92 19.06
C ALA A 346 17.52 6.60 18.75
N LEU A 347 18.17 6.22 17.67
CA LEU A 347 19.48 6.80 17.35
C LEU A 347 19.36 8.28 16.96
N SER A 348 18.18 8.67 16.48
N SER A 348 18.19 8.69 16.47
N SER A 348 18.18 8.67 16.48
N SER A 348 18.19 8.69 16.47
CA SER A 348 17.88 10.06 16.13
CA SER A 348 17.94 10.09 16.13
CA SER A 348 17.88 10.06 16.13
CA SER A 348 17.94 10.09 16.13
C SER A 348 17.41 10.92 17.29
C SER A 348 17.36 10.92 17.29
C SER A 348 17.41 10.92 17.29
C SER A 348 17.36 10.92 17.29
N GLY A 349 17.17 10.31 18.45
CA GLY A 349 16.73 11.02 19.64
C GLY A 349 15.27 11.16 19.77
N CYS A 350 14.47 10.34 19.11
CA CYS A 350 13.04 10.46 19.12
C CYS A 350 12.38 9.36 19.98
N GLN A 351 11.78 9.80 21.09
N GLN A 351 11.78 9.80 21.09
N GLN A 351 11.81 9.70 21.13
N GLN A 351 11.81 9.70 21.13
CA GLN A 351 11.05 8.98 22.06
CA GLN A 351 11.05 8.98 22.06
CA GLN A 351 11.17 8.67 21.96
CA GLN A 351 11.17 8.67 21.96
C GLN A 351 9.73 8.40 21.53
C GLN A 351 9.73 8.40 21.53
C GLN A 351 9.75 8.30 21.47
C GLN A 351 9.75 8.30 21.47
N ASN A 352 9.11 9.13 20.63
CA ASN A 352 7.77 8.84 20.09
C ASN A 352 7.59 9.50 18.74
N VAL A 353 6.52 9.26 18.00
CA VAL A 353 6.40 9.79 16.65
C VAL A 353 6.06 11.28 16.63
N LYS A 354 5.52 11.78 17.74
CA LYS A 354 5.10 13.14 17.83
C LYS A 354 6.28 14.12 17.81
N VAL A 355 7.47 13.64 18.20
CA VAL A 355 8.68 14.48 18.21
C VAL A 355 9.57 14.29 16.99
N ILE A 356 9.15 13.55 15.97
CA ILE A 356 9.88 13.43 14.73
C ILE A 356 9.63 14.68 13.88
N ASP A 357 10.62 15.58 13.82
CA ASP A 357 10.40 16.93 13.27
C ASP A 357 11.22 17.15 11.99
N LYS A 358 10.95 18.24 11.26
CA LYS A 358 11.53 18.57 9.98
C LYS A 358 13.03 18.81 10.06
N THR A 359 13.57 19.17 11.22
CA THR A 359 15.04 19.42 11.33
C THR A 359 15.85 18.15 11.33
N LEU A 360 15.17 17.01 11.43
CA LEU A 360 15.90 15.73 11.28
C LEU A 360 16.39 15.46 9.89
N VAL A 361 15.89 16.16 8.87
CA VAL A 361 16.28 15.83 7.52
C VAL A 361 16.70 17.01 6.72
N ARG A 362 17.61 16.81 5.78
CA ARG A 362 17.94 17.79 4.76
C ARG A 362 18.38 17.13 3.49
N LYS A 363 17.94 17.70 2.36
CA LYS A 363 18.42 17.33 0.99
C LYS A 363 19.32 18.47 0.46
#